data_7TE2
#
_entry.id   7TE2
#
_cell.length_a   63.939
_cell.length_b   63.939
_cell.length_c   182.298
_cell.angle_alpha   90.000
_cell.angle_beta   90.000
_cell.angle_gamma   120.000
#
_symmetry.space_group_name_H-M   'P 61 2 2'
#
loop_
_entity.id
_entity.type
_entity.pdbx_description
1 polymer AerR
2 non-polymer COBALAMIN
3 non-polymer HEXANE-1,6-DIOL
4 non-polymer 'CHLORIDE ION'
5 water water
#
_entity_poly.entity_id   1
_entity_poly.type   'polypeptide(L)'
_entity_poly.pdbx_seq_one_letter_code
;SLQTVLVNRMVELATGPELGAMDLLFDEFRAAHVPVEEMATHYIPEAARQIGAAWDSDRIGFAQVTIAISRLQELLHALQ
TLVTADSVGCANGATVLLIVPPGEQHTLGALIVAMELRRRGVSVRIVFAPGLSDLSRLMATTRFDAALITVGSMDRVEIC
AKLVKTLSSLTKGRMRVAIGGAIVSQRAEALARTGADLVTNDLSLVISEFSLV
;
_entity_poly.pdbx_strand_id   A
#
# COMPACT_ATOMS: atom_id res chain seq x y z
N SER A 1 -11.19 -24.10 9.06
CA SER A 1 -10.16 -23.92 10.09
C SER A 1 -8.80 -23.69 9.43
N LEU A 2 -8.63 -24.22 8.21
CA LEU A 2 -7.29 -24.32 7.63
C LEU A 2 -6.73 -22.95 7.27
N GLN A 3 -7.57 -22.08 6.71
CA GLN A 3 -7.09 -20.77 6.31
C GLN A 3 -6.63 -19.94 7.50
N THR A 4 -7.28 -20.10 8.65
CA THR A 4 -6.85 -19.38 9.85
C THR A 4 -5.60 -20.00 10.45
N VAL A 5 -5.44 -21.32 10.33
CA VAL A 5 -4.18 -21.95 10.71
C VAL A 5 -3.03 -21.38 9.88
N LEU A 6 -3.24 -21.22 8.58
CA LEU A 6 -2.17 -20.74 7.71
C LEU A 6 -1.85 -19.28 8.00
N VAL A 7 -2.87 -18.46 8.25
CA VAL A 7 -2.62 -17.08 8.63
C VAL A 7 -1.89 -16.99 9.96
N ASN A 8 -2.33 -17.78 10.94
CA ASN A 8 -1.67 -17.78 12.25
C ASN A 8 -0.21 -18.17 12.13
N ARG A 9 0.11 -19.11 11.23
CA ARG A 9 1.50 -19.47 11.00
C ARG A 9 2.27 -18.33 10.33
N MET A 10 1.63 -17.62 9.40
CA MET A 10 2.23 -16.41 8.85
C MET A 10 2.49 -15.38 9.95
N VAL A 11 1.50 -15.15 10.81
CA VAL A 11 1.64 -14.17 11.88
C VAL A 11 2.68 -14.63 12.89
N GLU A 12 2.68 -15.92 13.24
CA GLU A 12 3.58 -16.41 14.27
C GLU A 12 5.04 -16.27 13.82
N LEU A 13 5.33 -16.60 12.56
CA LEU A 13 6.69 -16.47 12.05
C LEU A 13 7.07 -15.01 11.84
N ALA A 14 6.11 -14.18 11.38
CA ALA A 14 6.39 -12.76 11.21
C ALA A 14 6.70 -12.09 12.54
N THR A 15 5.91 -12.38 13.58
CA THR A 15 6.09 -11.72 14.87
C THR A 15 7.20 -12.34 15.70
N GLY A 16 7.69 -13.53 15.34
CA GLY A 16 8.59 -14.28 16.18
C GLY A 16 9.99 -13.69 16.21
N PRO A 17 10.68 -13.87 17.34
CA PRO A 17 12.00 -13.22 17.50
C PRO A 17 13.12 -13.85 16.68
N GLU A 18 12.91 -15.05 16.13
CA GLU A 18 14.00 -15.86 15.59
C GLU A 18 14.12 -15.65 14.08
N LEU A 19 15.35 -15.66 13.59
CA LEU A 19 15.65 -15.10 12.29
C LEU A 19 15.26 -16.08 11.18
N GLY A 20 15.53 -15.70 9.94
CA GLY A 20 15.18 -16.54 8.80
C GLY A 20 13.70 -16.73 8.60
N ALA A 21 12.88 -15.78 9.08
CA ALA A 21 11.47 -16.09 9.32
C ALA A 21 10.70 -16.23 8.01
N MET A 22 11.02 -15.41 7.01
CA MET A 22 10.28 -15.41 5.76
C MET A 22 10.82 -16.41 4.76
N ASP A 23 12.12 -16.73 4.82
CA ASP A 23 12.62 -17.90 4.11
C ASP A 23 11.96 -19.17 4.61
N LEU A 24 11.80 -19.31 5.93
CA LEU A 24 11.07 -20.44 6.47
C LEU A 24 9.60 -20.40 6.08
N LEU A 25 8.99 -19.20 6.11
CA LEU A 25 7.58 -19.07 5.75
C LEU A 25 7.33 -19.43 4.29
N PHE A 26 8.21 -18.97 3.40
CA PHE A 26 8.06 -19.31 1.97
C PHE A 26 8.18 -20.82 1.75
N ASP A 27 9.12 -21.47 2.45
CA ASP A 27 9.29 -22.91 2.29
C ASP A 27 8.06 -23.66 2.74
N GLU A 28 7.48 -23.26 3.88
CA GLU A 28 6.36 -24.00 4.44
C GLU A 28 5.11 -23.82 3.60
N PHE A 29 4.87 -22.61 3.11
CA PHE A 29 3.67 -22.35 2.31
C PHE A 29 3.72 -23.11 0.98
N ARG A 30 4.89 -23.14 0.34
CA ARG A 30 4.99 -23.80 -0.95
C ARG A 30 5.10 -25.31 -0.81
N ALA A 31 5.68 -25.80 0.29
CA ALA A 31 5.52 -27.21 0.63
C ALA A 31 4.05 -27.57 0.85
N ALA A 32 3.27 -26.65 1.39
CA ALA A 32 1.82 -26.83 1.49
C ALA A 32 1.09 -26.52 0.19
N HIS A 33 1.81 -26.08 -0.84
CA HIS A 33 1.29 -25.87 -2.19
C HIS A 33 0.33 -24.70 -2.28
N VAL A 34 0.35 -23.79 -1.32
CA VAL A 34 -0.28 -22.48 -1.49
C VAL A 34 0.41 -21.74 -2.63
N PRO A 35 -0.31 -21.37 -3.67
CA PRO A 35 0.33 -20.67 -4.80
C PRO A 35 0.74 -19.27 -4.43
N VAL A 36 1.57 -18.67 -5.30
CA VAL A 36 2.26 -17.44 -4.94
C VAL A 36 1.29 -16.27 -4.92
N GLU A 37 0.34 -16.25 -5.87
CA GLU A 37 -0.60 -15.13 -5.96
C GLU A 37 -1.41 -15.00 -4.68
N GLU A 38 -1.93 -16.11 -4.16
N GLU A 38 -1.93 -16.12 -4.16
CA GLU A 38 -2.78 -16.06 -2.98
CA GLU A 38 -2.78 -16.07 -2.99
C GLU A 38 -1.99 -15.92 -1.70
C GLU A 38 -1.98 -15.89 -1.70
N MET A 39 -0.72 -16.35 -1.68
CA MET A 39 0.21 -15.85 -0.69
C MET A 39 0.31 -14.33 -0.72
N ALA A 40 0.28 -13.75 -1.93
CA ALA A 40 0.49 -12.32 -2.07
C ALA A 40 -0.78 -11.53 -1.79
N THR A 41 -1.89 -11.91 -2.43
CA THR A 41 -3.08 -11.06 -2.45
C THR A 41 -4.07 -11.40 -1.35
N HIS A 42 -3.93 -12.56 -0.71
CA HIS A 42 -4.83 -12.99 0.35
C HIS A 42 -4.13 -13.05 1.71
N TYR A 43 -3.07 -13.85 1.83
CA TYR A 43 -2.57 -14.21 3.15
C TYR A 43 -1.81 -13.05 3.78
N ILE A 44 -1.01 -12.34 3.00
CA ILE A 44 -0.22 -11.22 3.51
C ILE A 44 -1.12 -10.06 3.91
N PRO A 45 -2.12 -9.65 3.11
CA PRO A 45 -3.13 -8.70 3.63
C PRO A 45 -3.83 -9.21 4.88
N GLU A 46 -4.27 -10.46 4.90
CA GLU A 46 -5.03 -10.96 6.03
C GLU A 46 -4.16 -11.06 7.28
N ALA A 47 -2.91 -11.49 7.13
CA ALA A 47 -2.00 -11.53 8.28
C ALA A 47 -1.65 -10.13 8.75
N ALA A 48 -1.59 -9.16 7.85
CA ALA A 48 -1.30 -7.78 8.25
C ALA A 48 -2.41 -7.21 9.12
N ARG A 49 -3.67 -7.41 8.71
CA ARG A 49 -4.79 -6.89 9.50
C ARG A 49 -4.89 -7.60 10.84
N GLN A 50 -4.59 -8.91 10.87
CA GLN A 50 -4.59 -9.63 12.14
C GLN A 50 -3.47 -9.15 13.05
N ILE A 51 -2.31 -8.81 12.49
CA ILE A 51 -1.26 -8.18 13.27
C ILE A 51 -1.71 -6.82 13.78
N GLY A 52 -2.39 -6.06 12.92
CA GLY A 52 -2.92 -4.77 13.36
C GLY A 52 -3.93 -4.89 14.48
N ALA A 53 -4.86 -5.83 14.36
CA ALA A 53 -5.83 -6.05 15.43
C ALA A 53 -5.17 -6.58 16.69
N ALA A 54 -4.07 -7.32 16.55
CA ALA A 54 -3.34 -7.76 17.74
C ALA A 54 -2.70 -6.60 18.48
N TRP A 55 -2.30 -5.54 17.76
CA TRP A 55 -1.77 -4.36 18.41
C TRP A 55 -2.87 -3.51 19.03
N ASP A 56 -4.02 -3.40 18.35
CA ASP A 56 -5.17 -2.70 18.94
C ASP A 56 -5.50 -3.23 20.32
N SER A 57 -5.43 -4.55 20.49
CA SER A 57 -5.74 -5.21 21.76
C SER A 57 -4.51 -5.41 22.64
N ASP A 58 -3.41 -4.71 22.33
CA ASP A 58 -2.24 -4.62 23.21
C ASP A 58 -1.62 -5.99 23.47
N ARG A 59 -1.75 -6.90 22.49
CA ARG A 59 -1.19 -8.23 22.61
C ARG A 59 0.19 -8.37 21.95
N ILE A 60 0.53 -7.48 21.04
CA ILE A 60 1.89 -7.37 20.54
C ILE A 60 2.34 -5.92 20.64
N GLY A 61 3.63 -5.73 20.88
CA GLY A 61 4.20 -4.41 21.02
C GLY A 61 4.52 -3.76 19.68
N PHE A 62 4.95 -2.50 19.77
CA PHE A 62 5.32 -1.74 18.57
C PHE A 62 6.41 -2.45 17.78
N ALA A 63 7.42 -2.99 18.47
CA ALA A 63 8.57 -3.54 17.76
C ALA A 63 8.22 -4.87 17.09
N GLN A 64 7.36 -5.67 17.73
CA GLN A 64 6.81 -6.86 17.07
C GLN A 64 6.05 -6.48 15.82
N VAL A 65 5.21 -5.44 15.91
CA VAL A 65 4.54 -4.91 14.73
C VAL A 65 5.57 -4.48 13.68
N THR A 66 6.63 -3.80 14.10
CA THR A 66 7.61 -3.29 13.16
C THR A 66 8.32 -4.42 12.43
N ILE A 67 8.75 -5.44 13.17
CA ILE A 67 9.51 -6.53 12.55
C ILE A 67 8.59 -7.41 11.71
N ALA A 68 7.36 -7.63 12.16
CA ALA A 68 6.46 -8.56 11.47
C ALA A 68 6.03 -8.00 10.12
N ILE A 69 5.69 -6.71 10.05
CA ILE A 69 5.23 -6.14 8.79
C ILE A 69 6.39 -5.93 7.84
N SER A 70 7.56 -5.56 8.37
CA SER A 70 8.75 -5.44 7.52
C SER A 70 9.17 -6.79 6.97
N ARG A 71 8.91 -7.88 7.70
CA ARG A 71 9.14 -9.21 7.16
C ARG A 71 8.10 -9.56 6.09
N LEU A 72 6.82 -9.30 6.38
CA LEU A 72 5.78 -9.53 5.38
C LEU A 72 5.99 -8.64 4.17
N GLN A 73 6.46 -7.40 4.38
CA GLN A 73 6.87 -6.56 3.27
C GLN A 73 7.99 -7.21 2.46
N GLU A 74 8.96 -7.82 3.14
CA GLU A 74 10.04 -8.51 2.43
C GLU A 74 9.52 -9.70 1.63
N LEU A 75 8.62 -10.48 2.23
CA LEU A 75 8.04 -11.61 1.52
C LEU A 75 7.21 -11.15 0.32
N LEU A 76 6.38 -10.12 0.50
CA LEU A 76 5.54 -9.62 -0.59
C LEU A 76 6.39 -9.12 -1.76
N HIS A 77 7.53 -8.47 -1.45
CA HIS A 77 8.44 -8.02 -2.49
C HIS A 77 8.92 -9.19 -3.34
N ALA A 78 9.36 -10.27 -2.69
CA ALA A 78 9.93 -11.39 -3.43
C ALA A 78 8.86 -12.11 -4.24
N LEU A 79 7.65 -12.24 -3.68
CA LEU A 79 6.59 -12.95 -4.39
C LEU A 79 6.18 -12.20 -5.65
N GLN A 80 6.21 -10.86 -5.60
CA GLN A 80 5.78 -10.08 -6.74
C GLN A 80 6.82 -10.10 -7.86
N THR A 81 8.09 -10.34 -7.54
CA THR A 81 9.09 -10.60 -8.57
C THR A 81 8.77 -11.87 -9.35
N LEU A 82 8.24 -12.89 -8.67
CA LEU A 82 8.02 -14.17 -9.34
C LEU A 82 6.82 -14.09 -10.27
N VAL A 83 5.78 -13.36 -9.90
CA VAL A 83 4.50 -13.36 -10.59
C VAL A 83 4.06 -11.92 -10.79
N THR A 84 3.78 -11.55 -12.03
CA THR A 84 3.50 -10.15 -12.36
C THR A 84 2.15 -10.00 -13.05
N GLY A 93 -4.61 0.95 -21.85
CA GLY A 93 -3.36 0.92 -21.12
C GLY A 93 -3.08 2.20 -20.35
N ALA A 94 -3.40 2.19 -19.07
CA ALA A 94 -3.25 3.36 -18.21
C ALA A 94 -2.14 3.13 -17.19
N THR A 95 -1.57 4.24 -16.71
CA THR A 95 -0.44 4.21 -15.79
C THR A 95 -0.68 5.24 -14.70
N VAL A 96 -0.50 4.83 -13.44
CA VAL A 96 -0.69 5.72 -12.29
C VAL A 96 0.62 5.82 -11.54
N LEU A 97 0.79 6.95 -10.84
CA LEU A 97 1.96 7.20 -10.00
C LEU A 97 1.54 7.05 -8.55
N LEU A 98 2.06 6.03 -7.87
CA LEU A 98 1.73 5.76 -6.48
C LEU A 98 2.83 6.35 -5.59
N ILE A 99 2.46 7.32 -4.76
CA ILE A 99 3.39 8.11 -3.97
C ILE A 99 3.27 7.72 -2.51
N VAL A 100 4.40 7.38 -1.90
CA VAL A 100 4.51 7.28 -0.45
C VAL A 100 5.13 8.58 0.07
N PRO A 101 4.38 9.41 0.79
CA PRO A 101 4.88 10.73 1.16
C PRO A 101 6.04 10.63 2.13
N PRO A 102 6.87 11.67 2.24
CA PRO A 102 8.03 11.59 3.14
C PRO A 102 7.62 11.30 4.57
N GLY A 103 8.36 10.41 5.21
CA GLY A 103 8.11 10.06 6.59
C GLY A 103 6.87 9.23 6.84
N GLU A 104 6.18 8.79 5.79
CA GLU A 104 5.10 7.83 5.94
C GLU A 104 5.69 6.43 6.15
N GLN A 105 5.41 5.83 7.30
CA GLN A 105 5.98 4.55 7.67
C GLN A 105 5.03 3.38 7.42
N HIS A 106 3.78 3.65 7.08
CA HIS A 106 2.83 2.59 6.71
C HIS A 106 2.93 2.38 5.21
N THR A 107 3.62 1.32 4.81
CA THR A 107 4.02 1.11 3.43
C THR A 107 3.53 -0.19 2.83
N LEU A 108 3.10 -1.15 3.66
CA LEU A 108 2.63 -2.43 3.13
C LEU A 108 1.37 -2.25 2.30
N GLY A 109 0.47 -1.35 2.72
CA GLY A 109 -0.80 -1.21 2.03
C GLY A 109 -0.63 -0.73 0.60
N ALA A 110 0.33 0.17 0.37
CA ALA A 110 0.56 0.68 -0.98
C ALA A 110 1.16 -0.39 -1.88
N LEU A 111 1.96 -1.31 -1.33
CA LEU A 111 2.44 -2.43 -2.12
C LEU A 111 1.30 -3.36 -2.50
N ILE A 112 0.36 -3.59 -1.58
CA ILE A 112 -0.81 -4.41 -1.91
C ILE A 112 -1.67 -3.71 -2.97
N VAL A 113 -1.79 -2.39 -2.87
CA VAL A 113 -2.58 -1.63 -3.84
C VAL A 113 -1.97 -1.73 -5.23
N ALA A 114 -0.64 -1.56 -5.32
CA ALA A 114 0.01 -1.58 -6.62
C ALA A 114 -0.14 -2.94 -7.29
N MET A 115 -0.07 -4.02 -6.50
CA MET A 115 -0.22 -5.35 -7.08
C MET A 115 -1.67 -5.63 -7.46
N GLU A 116 -2.62 -5.15 -6.66
CA GLU A 116 -4.02 -5.19 -7.07
C GLU A 116 -4.24 -4.45 -8.39
N LEU A 117 -3.71 -3.23 -8.49
CA LEU A 117 -3.93 -2.42 -9.69
C LEU A 117 -3.29 -3.07 -10.91
N ARG A 118 -2.07 -3.59 -10.77
CA ARG A 118 -1.41 -4.28 -11.87
C ARG A 118 -2.21 -5.49 -12.32
N ARG A 119 -2.79 -6.22 -11.35
CA ARG A 119 -3.63 -7.36 -11.70
C ARG A 119 -4.89 -6.93 -12.46
N ARG A 120 -5.41 -5.74 -12.17
CA ARG A 120 -6.56 -5.22 -12.90
C ARG A 120 -6.16 -4.52 -14.19
N GLY A 121 -4.88 -4.51 -14.55
CA GLY A 121 -4.44 -3.97 -15.81
C GLY A 121 -4.00 -2.52 -15.78
N VAL A 122 -3.80 -1.94 -14.60
CA VAL A 122 -3.32 -0.57 -14.46
C VAL A 122 -1.84 -0.62 -14.08
N SER A 123 -0.99 -0.08 -14.94
CA SER A 123 0.42 0.03 -14.62
C SER A 123 0.63 0.99 -13.45
N VAL A 124 1.55 0.65 -12.57
CA VAL A 124 1.83 1.42 -11.36
C VAL A 124 3.35 1.63 -11.28
N ARG A 125 3.76 2.85 -10.96
CA ARG A 125 5.12 3.15 -10.57
C ARG A 125 5.11 3.71 -9.15
N ILE A 126 5.83 3.07 -8.24
CA ILE A 126 5.85 3.43 -6.83
C ILE A 126 7.07 4.29 -6.55
N VAL A 127 6.85 5.46 -5.94
CA VAL A 127 7.93 6.38 -5.60
C VAL A 127 7.83 6.74 -4.13
N PHE A 128 9.00 6.93 -3.51
CA PHE A 128 9.11 7.20 -2.08
C PHE A 128 9.61 8.63 -1.90
N ALA A 129 8.78 9.48 -1.30
CA ALA A 129 9.17 10.82 -0.88
C ALA A 129 9.74 11.65 -2.03
N PRO A 130 8.98 11.84 -3.12
CA PRO A 130 9.51 12.59 -4.26
C PRO A 130 9.50 14.08 -3.96
N GLY A 131 10.60 14.75 -4.29
CA GLY A 131 10.68 16.19 -4.23
C GLY A 131 9.98 16.85 -5.40
N LEU A 132 10.11 18.18 -5.45
CA LEU A 132 9.51 18.93 -6.55
C LEU A 132 10.10 18.53 -7.89
N SER A 133 11.42 18.37 -7.96
CA SER A 133 12.10 18.03 -9.21
C SER A 133 12.16 16.53 -9.45
N ASP A 134 11.81 15.70 -8.47
CA ASP A 134 11.43 14.32 -8.76
C ASP A 134 10.09 14.27 -9.47
N LEU A 135 9.11 15.03 -8.99
CA LEU A 135 7.79 15.01 -9.61
C LEU A 135 7.81 15.65 -11.00
N SER A 136 8.67 16.64 -11.21
CA SER A 136 8.44 17.61 -12.29
C SER A 136 8.72 16.99 -13.65
N ARG A 137 9.72 16.11 -13.72
CA ARG A 137 9.81 15.13 -14.80
C ARG A 137 8.47 14.53 -15.16
N LEU A 138 7.84 13.91 -14.17
CA LEU A 138 6.74 12.98 -14.40
C LEU A 138 5.40 13.68 -14.64
N MET A 139 5.32 15.00 -14.45
CA MET A 139 4.14 15.77 -14.81
C MET A 139 4.32 16.65 -16.03
N ALA A 140 5.55 16.82 -16.52
CA ALA A 140 5.78 17.66 -17.69
C ALA A 140 5.11 17.11 -18.94
N THR A 141 4.75 15.83 -18.94
CA THR A 141 3.99 15.20 -20.02
C THR A 141 2.71 14.60 -19.44
N THR A 142 1.86 14.10 -20.34
CA THR A 142 0.71 13.30 -19.93
C THR A 142 1.11 11.84 -19.72
N ARG A 143 2.16 11.62 -18.93
CA ARG A 143 2.73 10.29 -18.77
C ARG A 143 1.85 9.42 -17.87
N PHE A 144 1.44 9.94 -16.72
CA PHE A 144 0.55 9.26 -15.81
C PHE A 144 -0.87 9.79 -15.97
N ASP A 145 -1.84 8.87 -15.91
CA ASP A 145 -3.25 9.25 -15.97
C ASP A 145 -3.82 9.65 -14.61
N ALA A 146 -3.13 9.30 -13.53
CA ALA A 146 -3.52 9.75 -12.20
C ALA A 146 -2.35 9.59 -11.26
N ALA A 147 -2.42 10.29 -10.12
CA ALA A 147 -1.51 10.09 -9.01
C ALA A 147 -2.29 9.54 -7.81
N LEU A 148 -1.65 8.60 -7.10
CA LEU A 148 -2.26 7.96 -5.93
C LEU A 148 -1.34 8.17 -4.74
N ILE A 149 -1.92 8.57 -3.62
CA ILE A 149 -1.18 8.87 -2.39
C ILE A 149 -1.74 7.99 -1.28
N THR A 150 -0.85 7.31 -0.55
CA THR A 150 -1.22 6.62 0.67
C THR A 150 -0.89 7.49 1.87
N VAL A 151 -1.73 7.40 2.91
CA VAL A 151 -1.51 8.17 4.14
C VAL A 151 -1.95 7.33 5.33
N GLY A 152 -1.05 7.17 6.31
CA GLY A 152 -1.24 6.22 7.37
C GLY A 152 -1.67 6.86 8.68
N SER A 153 -1.34 8.13 8.87
CA SER A 153 -1.46 8.76 10.18
C SER A 153 -1.81 10.23 10.00
N MET A 154 -2.33 10.82 11.08
CA MET A 154 -2.83 12.19 11.01
C MET A 154 -1.70 13.19 10.80
N ASP A 155 -0.52 12.93 11.37
CA ASP A 155 0.59 13.86 11.24
C ASP A 155 1.16 13.90 9.83
N ARG A 156 0.72 13.02 8.95
CA ARG A 156 1.11 13.07 7.54
C ARG A 156 0.13 13.86 6.67
N VAL A 157 -0.98 14.33 7.24
CA VAL A 157 -2.07 14.86 6.43
C VAL A 157 -1.67 16.18 5.80
N GLU A 158 -0.96 17.03 6.55
N GLU A 158 -0.97 17.04 6.55
CA GLU A 158 -0.52 18.30 5.99
CA GLU A 158 -0.51 18.31 6.01
C GLU A 158 0.51 18.11 4.89
C GLU A 158 0.50 18.09 4.89
N ILE A 159 1.41 17.13 5.07
CA ILE A 159 2.36 16.80 4.00
C ILE A 159 1.64 16.27 2.78
N CYS A 160 0.54 15.52 2.99
N CYS A 160 0.55 15.52 2.99
CA CYS A 160 -0.25 15.05 1.86
CA CYS A 160 -0.26 15.04 1.87
C CYS A 160 -0.92 16.20 1.13
C CYS A 160 -0.92 16.20 1.13
N ALA A 161 -1.39 17.21 1.87
CA ALA A 161 -2.03 18.35 1.24
C ALA A 161 -1.04 19.14 0.39
N LYS A 162 0.21 19.25 0.86
CA LYS A 162 1.25 19.90 0.06
C LYS A 162 1.54 19.12 -1.21
N LEU A 163 1.54 17.78 -1.12
CA LEU A 163 1.71 16.95 -2.31
C LEU A 163 0.62 17.23 -3.34
N VAL A 164 -0.64 17.18 -2.91
CA VAL A 164 -1.75 17.45 -3.81
C VAL A 164 -1.63 18.85 -4.39
N LYS A 165 -1.27 19.83 -3.55
CA LYS A 165 -1.08 21.20 -4.03
C LYS A 165 0.05 21.27 -5.05
N THR A 166 1.17 20.63 -4.77
CA THR A 166 2.29 20.65 -5.70
C THR A 166 1.96 19.90 -6.98
N LEU A 167 1.30 18.74 -6.87
CA LEU A 167 0.79 18.04 -8.05
C LEU A 167 -0.15 18.94 -8.84
N SER A 168 -1.01 19.69 -8.15
CA SER A 168 -1.93 20.59 -8.85
C SER A 168 -1.19 21.70 -9.57
N SER A 169 -0.08 22.18 -9.00
CA SER A 169 0.64 23.29 -9.61
C SER A 169 1.42 22.86 -10.84
N LEU A 170 2.07 21.70 -10.80
CA LEU A 170 2.85 21.21 -11.93
C LEU A 170 1.98 20.78 -13.10
N THR A 171 0.64 20.81 -12.97
CA THR A 171 -0.25 20.44 -14.05
C THR A 171 -1.42 21.40 -14.23
N LYS A 172 -1.47 22.49 -13.46
CA LYS A 172 -2.62 23.40 -13.45
C LYS A 172 -3.93 22.65 -13.23
N GLY A 173 -3.93 21.75 -12.24
CA GLY A 173 -5.14 21.15 -11.74
C GLY A 173 -5.64 19.97 -12.53
N ARG A 174 -4.91 19.54 -13.57
CA ARG A 174 -5.39 18.52 -14.49
C ARG A 174 -4.99 17.11 -14.08
N MET A 175 -4.05 16.97 -13.15
CA MET A 175 -3.71 15.66 -12.60
C MET A 175 -4.76 15.24 -11.58
N ARG A 176 -5.40 14.10 -11.82
CA ARG A 176 -6.33 13.52 -10.86
C ARG A 176 -5.55 12.83 -9.74
N VAL A 177 -5.98 13.06 -8.50
CA VAL A 177 -5.25 12.60 -7.32
C VAL A 177 -6.24 11.84 -6.44
N ALA A 178 -5.98 10.56 -6.22
CA ALA A 178 -6.69 9.78 -5.22
C ALA A 178 -5.84 9.58 -3.98
N ILE A 179 -6.50 9.56 -2.82
CA ILE A 179 -5.86 9.34 -1.53
C ILE A 179 -6.50 8.13 -0.87
N GLY A 180 -5.68 7.18 -0.41
CA GLY A 180 -6.14 6.17 0.50
C GLY A 180 -5.20 5.94 1.67
N GLY A 181 -5.48 4.93 2.49
CA GLY A 181 -4.61 4.60 3.59
C GLY A 181 -5.36 4.24 4.84
N ALA A 182 -4.63 3.99 5.94
CA ALA A 182 -5.26 3.66 7.20
C ALA A 182 -6.07 4.81 7.78
N ILE A 183 -5.76 6.06 7.39
CA ILE A 183 -6.54 7.21 7.83
C ILE A 183 -7.95 7.15 7.25
N VAL A 184 -8.07 6.67 6.00
CA VAL A 184 -9.35 6.74 5.30
C VAL A 184 -10.41 5.93 6.03
N SER A 185 -10.01 4.79 6.59
CA SER A 185 -10.97 3.92 7.27
C SER A 185 -11.59 4.60 8.47
N GLN A 186 -10.75 5.06 9.41
CA GLN A 186 -11.23 5.84 10.54
C GLN A 186 -11.84 7.16 10.08
N ARG A 187 -11.00 8.08 9.59
CA ARG A 187 -11.32 9.51 9.57
C ARG A 187 -11.08 10.03 8.16
N ALA A 188 -11.92 9.58 7.22
CA ALA A 188 -11.76 10.00 5.83
C ALA A 188 -12.09 11.48 5.63
N GLU A 189 -12.95 12.04 6.49
CA GLU A 189 -13.24 13.47 6.41
C GLU A 189 -12.02 14.33 6.74
N ALA A 190 -11.04 13.78 7.47
CA ALA A 190 -9.83 14.54 7.78
C ALA A 190 -8.97 14.76 6.56
N LEU A 191 -9.11 13.95 5.51
CA LEU A 191 -8.41 14.15 4.26
C LEU A 191 -9.22 14.97 3.26
N ALA A 192 -10.49 15.25 3.55
CA ALA A 192 -11.29 16.07 2.65
C ALA A 192 -10.79 17.52 2.56
N ARG A 193 -9.90 17.92 3.45
CA ARG A 193 -9.29 19.25 3.35
C ARG A 193 -8.16 19.31 2.33
N THR A 194 -7.63 18.16 1.91
CA THR A 194 -6.39 18.15 1.14
C THR A 194 -6.58 18.56 -0.31
N GLY A 195 -7.82 18.55 -0.81
CA GLY A 195 -8.08 18.90 -2.20
C GLY A 195 -7.86 17.80 -3.21
N ALA A 196 -7.71 16.55 -2.78
CA ALA A 196 -7.69 15.43 -3.71
C ALA A 196 -9.02 15.29 -4.44
N ASP A 197 -8.96 14.72 -5.64
CA ASP A 197 -10.18 14.45 -6.40
C ASP A 197 -10.97 13.29 -5.83
N LEU A 198 -10.36 12.45 -5.00
CA LEU A 198 -10.96 11.17 -4.61
C LEU A 198 -10.29 10.70 -3.33
N VAL A 199 -11.08 10.42 -2.31
CA VAL A 199 -10.59 9.87 -1.05
C VAL A 199 -11.33 8.56 -0.82
N THR A 200 -10.65 7.45 -1.05
CA THR A 200 -11.25 6.12 -0.91
C THR A 200 -10.14 5.10 -0.77
N ASN A 201 -10.50 3.96 -0.17
CA ASN A 201 -9.68 2.76 -0.27
C ASN A 201 -10.23 1.75 -1.26
N ASP A 202 -11.28 2.11 -2.00
CA ASP A 202 -11.91 1.23 -2.97
C ASP A 202 -11.24 1.44 -4.32
N LEU A 203 -10.51 0.41 -4.78
CA LEU A 203 -9.75 0.55 -6.01
C LEU A 203 -10.64 0.49 -7.25
N SER A 204 -11.78 -0.19 -7.16
N SER A 204 -11.78 -0.20 -7.16
CA SER A 204 -12.74 -0.16 -8.26
CA SER A 204 -12.73 -0.16 -8.26
C SER A 204 -13.35 1.22 -8.43
C SER A 204 -13.34 1.24 -8.44
N LEU A 205 -13.47 2.00 -7.34
CA LEU A 205 -13.93 3.38 -7.46
C LEU A 205 -12.84 4.27 -8.05
N VAL A 206 -11.59 4.09 -7.62
CA VAL A 206 -10.48 4.77 -8.28
C VAL A 206 -10.48 4.46 -9.78
N ILE A 207 -10.66 3.18 -10.13
CA ILE A 207 -10.53 2.78 -11.52
C ILE A 207 -11.68 3.33 -12.35
N SER A 208 -12.90 3.27 -11.82
CA SER A 208 -14.05 3.80 -12.56
C SER A 208 -14.01 5.32 -12.63
N GLU A 209 -13.70 5.98 -11.51
CA GLU A 209 -13.83 7.43 -11.46
C GLU A 209 -12.77 8.11 -12.33
N PHE A 210 -11.57 7.53 -12.41
CA PHE A 210 -10.53 8.02 -13.28
C PHE A 210 -10.48 7.28 -14.61
N SER A 211 -11.37 6.30 -14.81
CA SER A 211 -11.50 5.59 -16.09
C SER A 211 -10.18 4.93 -16.49
N LEU A 212 -9.61 4.15 -15.57
CA LEU A 212 -8.26 3.62 -15.73
C LEU A 212 -8.21 2.31 -16.48
N VAL A 213 -9.35 1.74 -16.87
CA VAL A 213 -9.35 0.59 -17.75
C VAL A 213 -10.28 0.82 -18.93
#